data_4EQ3
#
_entry.id   4EQ3
#
_cell.length_a   63.608
_cell.length_b   63.608
_cell.length_c   215.750
_cell.angle_alpha   90.00
_cell.angle_beta   90.00
_cell.angle_gamma   120.00
#
_symmetry.space_group_name_H-M   'P 65 2 2'
#
loop_
_entity.id
_entity.type
_entity.pdbx_description
1 polymer 'Interferon gamma receptor 1'
2 water water
#
_entity_poly.entity_id   1
_entity_poly.type   'polypeptide(L)'
_entity_poly.pdbx_seq_one_letter_code
;(MSE)GRGSERLPAVPSPTGTSVKSKNFRTVLYWQYPS(MSE)SETPHFVVEVKPYLSGKYQTVSTCVNISATSCDLSEE
INEIFHSYWFRIKAIVGSQQSQYVETDEFVLQKHGKIGPPKLNLSRHGAEIIVDVYHPEFPSVEVRPW(MSE)REIYSEL
SYSVIFRNSENESRKNFTVADCE(MSE)NECNLSIPVPSEGSTYCVSAKGHFFDDLIVGASSEESCIWVPITQA
;
_entity_poly.pdbx_strand_id   A
#
# COMPACT_ATOMS: atom_id res chain seq x y z
N ALA A 10 31.41 9.51 -18.70
CA ALA A 10 31.48 8.19 -19.31
C ALA A 10 30.09 7.63 -19.42
N VAL A 11 29.85 6.45 -18.86
CA VAL A 11 28.53 5.86 -18.78
C VAL A 11 28.02 6.15 -17.39
N PRO A 12 27.30 7.24 -17.30
CA PRO A 12 26.81 7.77 -16.04
C PRO A 12 25.89 6.78 -15.38
N SER A 13 25.66 6.94 -14.09
CA SER A 13 24.81 6.05 -13.32
C SER A 13 23.37 6.53 -13.39
N PRO A 14 22.42 5.62 -13.16
CA PRO A 14 21.02 6.05 -13.11
C PRO A 14 20.84 7.22 -12.12
N THR A 15 19.68 7.86 -12.19
CA THR A 15 19.45 9.04 -11.39
C THR A 15 18.00 9.09 -10.90
N GLY A 16 17.75 9.95 -9.92
CA GLY A 16 16.42 10.17 -9.39
C GLY A 16 15.75 8.91 -8.88
N THR A 17 16.51 8.09 -8.16
CA THR A 17 15.96 6.84 -7.65
C THR A 17 14.80 7.15 -6.72
N SER A 18 13.76 6.33 -6.80
CA SER A 18 12.60 6.50 -5.94
C SER A 18 11.88 5.17 -5.72
N VAL A 19 11.69 4.82 -4.45
CA VAL A 19 10.92 3.64 -4.13
C VAL A 19 9.54 4.11 -3.72
N LYS A 20 8.52 3.67 -4.46
CA LYS A 20 7.13 4.01 -4.17
C LYS A 20 6.39 2.77 -3.76
N SER A 21 5.81 2.77 -2.56
CA SER A 21 5.12 1.60 -2.04
C SER A 21 3.73 2.00 -1.59
N LYS A 22 2.72 1.43 -2.20
CA LYS A 22 1.33 1.64 -1.84
C LYS A 22 0.49 0.38 -1.92
N ASN A 23 -0.23 0.07 -0.83
CA ASN A 23 -1.07 -1.10 -0.79
C ASN A 23 -0.27 -2.36 -1.05
N PHE A 24 0.99 -2.34 -0.61
CA PHE A 24 1.86 -3.51 -0.69
C PHE A 24 2.37 -3.80 -2.09
N ARG A 25 2.07 -2.88 -3.01
CA ARG A 25 2.75 -2.88 -4.31
C ARG A 25 3.93 -1.92 -4.21
N THR A 26 5.13 -2.47 -4.28
CA THR A 26 6.32 -1.64 -4.18
C THR A 26 7.08 -1.60 -5.48
N VAL A 27 7.34 -0.39 -5.96
CA VAL A 27 8.03 -0.23 -7.22
C VAL A 27 9.17 0.78 -7.12
N LEU A 28 10.30 0.42 -7.73
CA LEU A 28 11.48 1.27 -7.75
C LEU A 28 11.55 1.97 -9.09
N TYR A 29 11.78 3.27 -9.06
CA TYR A 29 11.87 4.05 -10.28
C TYR A 29 13.17 4.81 -10.33
N TRP A 30 13.66 5.06 -11.54
CA TRP A 30 14.81 5.92 -11.75
C TRP A 30 14.71 6.61 -13.11
N GLN A 31 15.67 7.49 -13.36
CA GLN A 31 15.72 8.20 -14.62
C GLN A 31 17.10 8.06 -15.23
N TYR A 32 17.18 8.24 -16.55
CA TYR A 32 18.43 8.09 -17.23
C TYR A 32 18.55 9.06 -18.40
N PRO A 33 19.76 9.55 -18.63
CA PRO A 33 20.03 10.45 -19.76
C PRO A 33 19.87 9.79 -21.11
N SER A 34 19.60 10.61 -22.10
CA SER A 34 19.45 10.16 -23.46
C SER A 34 20.80 9.73 -24.06
N MSE A 35 20.84 8.52 -24.63
CA MSE A 35 22.09 7.96 -25.12
C MSE A 35 21.86 7.62 -26.56
O MSE A 35 20.75 7.47 -26.95
CB MSE A 35 22.43 6.68 -24.40
CG MSE A 35 22.73 6.78 -22.99
SE MSE A 35 24.00 8.02 -22.66
CE MSE A 35 24.03 8.04 -20.77
N SER A 36 22.92 7.48 -27.35
CA SER A 36 22.75 7.15 -28.75
C SER A 36 21.91 5.91 -28.84
N GLU A 37 22.35 4.87 -28.17
CA GLU A 37 21.53 3.69 -28.19
C GLU A 37 20.72 3.48 -26.93
N THR A 38 20.36 2.24 -26.64
CA THR A 38 19.43 1.95 -25.59
C THR A 38 20.10 1.26 -24.41
N PRO A 39 20.16 1.98 -23.31
CA PRO A 39 20.67 1.47 -22.06
C PRO A 39 19.82 0.35 -21.48
N HIS A 40 20.46 -0.54 -20.76
CA HIS A 40 19.74 -1.54 -19.96
C HIS A 40 20.23 -1.40 -18.53
N PHE A 41 19.48 -1.96 -17.59
CA PHE A 41 19.80 -1.74 -16.19
C PHE A 41 19.85 -3.04 -15.37
N VAL A 42 20.57 -3.01 -14.26
CA VAL A 42 20.59 -4.13 -13.33
C VAL A 42 20.28 -3.65 -11.92
N VAL A 43 19.26 -4.27 -11.31
CA VAL A 43 18.83 -3.87 -9.98
C VAL A 43 19.20 -4.94 -8.96
N GLU A 44 19.75 -4.51 -7.83
CA GLU A 44 20.03 -5.42 -6.72
C GLU A 44 19.31 -5.02 -5.44
N VAL A 45 19.05 -6.01 -4.59
CA VAL A 45 18.43 -5.77 -3.30
C VAL A 45 19.32 -6.27 -2.15
N LYS A 46 19.41 -5.53 -1.07
CA LYS A 46 20.12 -5.96 0.11
C LYS A 46 19.10 -6.22 1.27
N PRO A 47 18.82 -7.50 1.52
CA PRO A 47 17.87 -7.89 2.57
C PRO A 47 18.57 -7.83 3.93
N TYR A 48 17.79 -7.66 5.00
CA TYR A 48 18.39 -7.40 6.31
C TYR A 48 19.18 -8.58 6.88
N LEU A 49 18.71 -9.80 6.62
CA LEU A 49 19.32 -11.01 7.18
C LEU A 49 20.75 -11.24 6.71
N SER A 50 20.94 -11.22 5.40
CA SER A 50 22.26 -11.49 4.84
C SER A 50 23.11 -10.23 4.87
N GLY A 51 22.46 -9.08 4.82
CA GLY A 51 23.16 -7.80 4.80
C GLY A 51 24.05 -7.66 3.58
N LYS A 52 23.77 -8.46 2.57
CA LYS A 52 24.48 -8.41 1.30
C LYS A 52 23.58 -8.19 0.06
N TYR A 53 24.03 -7.43 -0.91
CA TYR A 53 23.26 -7.24 -2.14
C TYR A 53 23.22 -8.52 -2.94
N GLN A 54 22.06 -8.75 -3.56
CA GLN A 54 21.89 -9.86 -4.47
C GLN A 54 21.04 -9.38 -5.63
N THR A 55 21.10 -10.08 -6.75
CA THR A 55 20.39 -9.67 -7.94
C THR A 55 18.87 -9.83 -7.80
N VAL A 56 18.13 -8.85 -8.28
CA VAL A 56 16.69 -8.95 -8.43
C VAL A 56 16.38 -9.60 -9.78
N SER A 57 16.09 -10.89 -9.77
CA SER A 57 16.11 -11.69 -10.99
C SER A 57 15.25 -11.10 -12.11
N THR A 58 14.08 -10.61 -11.77
CA THR A 58 13.14 -10.07 -12.76
C THR A 58 13.59 -8.73 -13.31
N CYS A 59 14.71 -8.22 -12.82
CA CYS A 59 15.18 -6.90 -13.23
C CYS A 59 16.67 -6.90 -13.58
N VAL A 60 17.06 -7.82 -14.45
CA VAL A 60 18.42 -7.86 -14.96
C VAL A 60 18.38 -7.63 -16.46
N ASN A 61 19.19 -6.72 -16.93
CA ASN A 61 19.25 -6.37 -18.32
C ASN A 61 17.91 -5.93 -18.86
N ILE A 62 17.24 -5.05 -18.15
CA ILE A 62 15.93 -4.53 -18.55
C ILE A 62 16.07 -3.14 -19.13
N SER A 63 15.18 -2.81 -20.07
CA SER A 63 15.22 -1.50 -20.72
C SER A 63 14.35 -0.50 -19.96
N ALA A 64 13.36 -1.01 -19.24
CA ALA A 64 12.46 -0.16 -18.45
C ALA A 64 13.21 0.57 -17.35
N THR A 65 12.71 1.75 -16.98
CA THR A 65 13.32 2.53 -15.92
C THR A 65 12.54 2.34 -14.63
N SER A 66 12.06 1.12 -14.42
CA SER A 66 11.33 0.77 -13.21
C SER A 66 11.50 -0.71 -12.92
N CYS A 67 11.28 -1.09 -11.68
CA CYS A 67 11.39 -2.48 -11.27
C CYS A 67 10.40 -2.76 -10.16
N ASP A 68 9.57 -3.79 -10.35
CA ASP A 68 8.58 -4.15 -9.36
C ASP A 68 9.25 -5.01 -8.29
N LEU A 69 9.32 -4.49 -7.07
CA LEU A 69 10.06 -5.12 -5.98
C LEU A 69 9.15 -5.91 -5.04
N SER A 70 7.87 -5.96 -5.36
CA SER A 70 6.87 -6.53 -4.46
C SER A 70 7.18 -7.97 -4.04
N GLU A 71 7.93 -8.70 -4.86
CA GLU A 71 8.20 -10.09 -4.55
C GLU A 71 9.51 -10.27 -3.79
N GLU A 72 10.24 -9.18 -3.61
CA GLU A 72 11.53 -9.22 -2.92
C GLU A 72 11.39 -8.77 -1.48
N ILE A 73 10.23 -8.23 -1.15
CA ILE A 73 10.02 -7.64 0.18
C ILE A 73 9.07 -8.51 0.97
N ASN A 74 9.58 -9.13 2.02
CA ASN A 74 8.74 -10.01 2.83
C ASN A 74 8.97 -9.79 4.31
N GLU A 75 9.40 -8.57 4.63
CA GLU A 75 9.57 -8.13 6.01
C GLU A 75 8.97 -6.74 6.06
N ILE A 76 8.13 -6.48 7.05
CA ILE A 76 7.51 -5.16 7.14
C ILE A 76 8.29 -4.23 8.08
N PHE A 77 9.03 -4.79 9.02
CA PHE A 77 9.72 -3.99 10.05
C PHE A 77 11.22 -3.81 9.81
N HIS A 78 11.84 -4.76 9.12
CA HIS A 78 13.27 -4.64 8.87
C HIS A 78 13.54 -3.84 7.62
N SER A 79 14.79 -3.43 7.44
CA SER A 79 15.19 -2.51 6.37
C SER A 79 15.64 -3.23 5.10
N TYR A 80 15.50 -2.54 3.97
CA TYR A 80 16.00 -3.00 2.69
C TYR A 80 16.72 -1.85 2.02
N TRP A 81 17.74 -2.17 1.23
CA TRP A 81 18.34 -1.20 0.34
C TRP A 81 18.25 -1.77 -1.07
N PHE A 82 18.20 -0.88 -2.06
CA PHE A 82 18.22 -1.32 -3.47
C PHE A 82 19.22 -0.48 -4.22
N ARG A 83 19.72 -1.01 -5.34
CA ARG A 83 20.67 -0.24 -6.13
C ARG A 83 20.59 -0.61 -7.61
N ILE A 84 20.99 0.32 -8.46
CA ILE A 84 20.86 0.08 -9.89
C ILE A 84 22.10 0.56 -10.61
N LYS A 85 22.56 -0.21 -11.58
CA LYS A 85 23.63 0.24 -12.46
C LYS A 85 23.12 0.22 -13.89
N ALA A 86 23.75 1.03 -14.74
CA ALA A 86 23.39 1.10 -16.16
C ALA A 86 24.41 0.39 -17.04
N ILE A 87 23.92 -0.27 -18.08
CA ILE A 87 24.78 -0.88 -19.08
C ILE A 87 24.55 -0.22 -20.43
N VAL A 88 25.64 0.29 -21.00
CA VAL A 88 25.61 1.02 -22.27
C VAL A 88 26.65 0.42 -23.20
N GLY A 89 26.21 -0.35 -24.17
CA GLY A 89 27.12 -1.09 -25.01
C GLY A 89 27.97 -2.02 -24.16
N SER A 90 29.29 -1.90 -24.30
CA SER A 90 30.23 -2.74 -23.57
C SER A 90 30.68 -2.04 -22.28
N GLN A 91 29.99 -1.00 -21.91
CA GLN A 91 30.35 -0.25 -20.75
C GLN A 91 29.28 -0.33 -19.65
N GLN A 92 29.71 -0.27 -18.40
CA GLN A 92 28.83 -0.29 -17.23
C GLN A 92 29.06 0.94 -16.38
N SER A 93 28.02 1.39 -15.70
CA SER A 93 28.21 2.42 -14.68
C SER A 93 28.42 1.73 -13.35
N GLN A 94 28.69 2.53 -12.32
CA GLN A 94 28.72 2.00 -10.96
C GLN A 94 27.28 1.99 -10.49
N TYR A 95 27.03 1.34 -9.36
CA TYR A 95 25.69 1.27 -8.81
C TYR A 95 25.35 2.54 -8.06
N VAL A 96 24.08 2.90 -8.07
CA VAL A 96 23.61 3.99 -7.23
C VAL A 96 22.58 3.40 -6.29
N GLU A 97 22.68 3.78 -5.02
CA GLU A 97 21.90 3.16 -3.96
C GLU A 97 20.69 4.02 -3.57
N THR A 98 19.60 3.37 -3.17
CA THR A 98 18.42 4.12 -2.73
C THR A 98 18.55 4.49 -1.24
N ASP A 99 17.66 5.38 -0.78
CA ASP A 99 17.47 5.59 0.64
C ASP A 99 17.10 4.26 1.29
N GLU A 100 17.34 4.16 2.59
CA GLU A 100 16.86 3.03 3.37
C GLU A 100 15.36 2.90 3.21
N PHE A 101 14.88 1.67 3.08
CA PHE A 101 13.45 1.45 2.91
C PHE A 101 12.92 0.50 3.98
N VAL A 102 11.89 0.95 4.67
CA VAL A 102 11.18 0.15 5.66
C VAL A 102 9.69 0.22 5.37
N LEU A 103 9.10 -0.92 5.05
CA LEU A 103 7.70 -0.95 4.64
C LEU A 103 6.76 -0.31 5.65
N GLN A 104 6.96 -0.60 6.92
CA GLN A 104 6.12 -0.04 7.99
C GLN A 104 6.20 1.49 8.04
N LYS A 105 7.35 2.04 7.67
CA LYS A 105 7.57 3.48 7.74
C LYS A 105 7.20 4.13 6.43
N HIS A 106 7.62 3.52 5.32
CA HIS A 106 7.52 4.18 4.04
C HIS A 106 6.36 3.72 3.18
N GLY A 107 5.81 2.55 3.49
CA GLY A 107 4.70 2.02 2.70
C GLY A 107 3.40 2.76 2.98
N LYS A 108 2.68 3.17 1.94
CA LYS A 108 1.44 3.90 2.15
C LYS A 108 0.27 2.95 2.01
N ILE A 109 -0.79 3.20 2.76
CA ILE A 109 -2.04 2.48 2.59
C ILE A 109 -3.11 3.45 2.08
N GLY A 110 -3.54 3.24 0.84
CA GLY A 110 -4.54 4.09 0.21
C GLY A 110 -5.94 3.93 0.78
N PRO A 111 -6.88 4.77 0.33
CA PRO A 111 -8.22 4.66 0.89
C PRO A 111 -8.83 3.29 0.59
N PRO A 112 -9.63 2.76 1.53
CA PRO A 112 -10.32 1.49 1.27
C PRO A 112 -11.54 1.72 0.38
N LYS A 113 -12.02 0.64 -0.24
CA LYS A 113 -13.27 0.67 -0.97
C LYS A 113 -14.38 0.50 0.06
N LEU A 114 -15.38 1.37 0.00
CA LEU A 114 -16.43 1.36 1.02
C LEU A 114 -17.81 1.36 0.40
N ASN A 115 -18.61 0.34 0.70
CA ASN A 115 -20.00 0.33 0.24
C ASN A 115 -20.99 0.56 1.38
N LEU A 116 -22.00 1.38 1.11
CA LEU A 116 -22.94 1.81 2.13
C LEU A 116 -24.36 1.41 1.74
N SER A 117 -25.01 0.67 2.62
CA SER A 117 -26.40 0.25 2.42
C SER A 117 -27.13 0.37 3.74
N ARG A 118 -28.42 0.04 3.75
CA ARG A 118 -29.18 0.02 4.99
C ARG A 118 -30.19 -1.11 4.97
N HIS A 119 -30.49 -1.63 6.16
CA HIS A 119 -31.63 -2.50 6.36
C HIS A 119 -32.51 -1.82 7.40
N GLY A 120 -33.61 -1.23 6.95
CA GLY A 120 -34.45 -0.46 7.84
C GLY A 120 -33.63 0.72 8.35
N ALA A 121 -33.60 0.90 9.66
CA ALA A 121 -32.90 2.05 10.26
C ALA A 121 -31.45 1.70 10.61
N GLU A 122 -31.01 0.52 10.20
CA GLU A 122 -29.64 0.09 10.50
C GLU A 122 -28.74 0.28 9.27
N ILE A 123 -27.64 1.01 9.45
CA ILE A 123 -26.68 1.24 8.38
C ILE A 123 -25.68 0.10 8.31
N ILE A 124 -25.36 -0.31 7.09
CA ILE A 124 -24.47 -1.43 6.84
C ILE A 124 -23.25 -0.97 6.07
N VAL A 125 -22.08 -1.15 6.68
CA VAL A 125 -20.82 -0.73 6.07
C VAL A 125 -19.98 -1.91 5.63
N ASP A 126 -19.69 -1.99 4.34
CA ASP A 126 -18.77 -2.99 3.85
C ASP A 126 -17.49 -2.27 3.45
N VAL A 127 -16.36 -2.73 3.96
CA VAL A 127 -15.11 -2.07 3.68
C VAL A 127 -14.01 -3.09 3.44
N TYR A 128 -13.17 -2.82 2.43
CA TYR A 128 -12.02 -3.66 2.15
C TYR A 128 -11.08 -2.98 1.14
N HIS A 129 -9.92 -3.60 0.90
CA HIS A 129 -8.94 -3.11 -0.07
C HIS A 129 -8.73 -4.14 -1.17
N PRO A 130 -9.40 -3.96 -2.32
CA PRO A 130 -9.27 -4.93 -3.41
C PRO A 130 -7.82 -5.10 -3.86
N GLU A 131 -6.99 -4.08 -3.70
CA GLU A 131 -5.60 -4.12 -4.09
C GLU A 131 -4.71 -5.02 -3.26
N PHE A 132 -5.11 -5.32 -2.05
CA PHE A 132 -4.24 -6.13 -1.20
C PHE A 132 -4.01 -7.48 -1.83
N PRO A 133 -2.76 -7.96 -1.80
CA PRO A 133 -2.48 -9.24 -2.45
C PRO A 133 -3.08 -10.43 -1.70
N SER A 134 -3.43 -11.47 -2.43
CA SER A 134 -3.99 -12.68 -1.86
C SER A 134 -2.99 -13.35 -0.92
N VAL A 135 -3.46 -13.79 0.23
CA VAL A 135 -2.59 -14.47 1.18
C VAL A 135 -2.02 -15.75 0.58
N GLU A 136 -2.80 -16.36 -0.31
CA GLU A 136 -2.40 -17.60 -0.99
C GLU A 136 -1.20 -17.37 -1.89
N VAL A 137 -1.06 -16.16 -2.41
CA VAL A 137 0.06 -15.83 -3.28
C VAL A 137 1.25 -15.28 -2.49
N ARG A 138 0.96 -14.65 -1.35
CA ARG A 138 2.03 -14.14 -0.49
C ARG A 138 1.81 -14.59 0.95
N PRO A 139 2.14 -15.85 1.24
CA PRO A 139 1.87 -16.46 2.54
C PRO A 139 2.47 -15.65 3.70
N TRP A 140 3.55 -14.92 3.46
CA TRP A 140 4.15 -14.13 4.52
C TRP A 140 3.22 -13.02 4.99
N MSE A 141 2.17 -12.76 4.21
CA MSE A 141 1.23 -11.70 4.52
C MSE A 141 0.19 -12.10 5.56
O MSE A 141 -0.46 -11.24 6.16
CB MSE A 141 0.53 -11.23 3.24
CG MSE A 141 1.40 -10.36 2.34
SE MSE A 141 1.82 -8.60 3.10
CE MSE A 141 0.02 -7.93 3.48
N ARG A 142 0.02 -13.39 5.79
CA ARG A 142 -0.96 -13.87 6.76
C ARG A 142 -0.76 -13.17 8.11
N GLU A 143 0.49 -13.12 8.54
CA GLU A 143 0.84 -12.53 9.82
C GLU A 143 0.43 -11.06 9.86
N ILE A 144 0.60 -10.39 8.73
CA ILE A 144 0.29 -8.97 8.62
C ILE A 144 -1.22 -8.73 8.63
N TYR A 145 -1.95 -9.53 7.83
CA TYR A 145 -3.41 -9.42 7.74
C TYR A 145 -4.07 -9.73 9.07
N SER A 146 -3.47 -10.62 9.85
CA SER A 146 -4.00 -10.92 11.17
C SER A 146 -4.05 -9.65 12.04
N GLU A 147 -3.38 -8.60 11.59
CA GLU A 147 -3.34 -7.33 12.35
C GLU A 147 -4.06 -6.19 11.61
N LEU A 148 -4.83 -6.53 10.59
CA LEU A 148 -5.56 -5.51 9.84
C LEU A 148 -6.85 -5.12 10.55
N SER A 149 -7.06 -3.82 10.72
CA SER A 149 -8.35 -3.33 11.19
C SER A 149 -8.77 -2.10 10.38
N TYR A 150 -10.03 -1.74 10.47
CA TYR A 150 -10.49 -0.50 9.84
C TYR A 150 -11.17 0.33 10.90
N SER A 151 -10.92 1.63 10.87
CA SER A 151 -11.64 2.56 11.71
C SER A 151 -12.67 3.23 10.82
N VAL A 152 -13.88 3.39 11.35
CA VAL A 152 -14.98 3.96 10.58
C VAL A 152 -15.57 5.14 11.33
N ILE A 153 -15.69 6.27 10.63
CA ILE A 153 -16.24 7.48 11.22
C ILE A 153 -17.66 7.77 10.70
N PHE A 154 -18.60 7.80 11.63
CA PHE A 154 -20.02 7.99 11.30
C PHE A 154 -20.42 9.43 11.55
N ARG A 155 -20.80 10.15 10.51
CA ARG A 155 -21.23 11.54 10.67
C ARG A 155 -22.68 11.78 10.27
N ASN A 156 -23.41 12.44 11.15
CA ASN A 156 -24.72 13.00 10.82
C ASN A 156 -24.62 14.48 10.79
N SER A 157 -24.61 15.11 9.62
CA SER A 157 -24.55 16.54 9.64
C SER A 157 -25.87 17.13 10.18
N GLU A 158 -26.98 16.66 9.68
CA GLU A 158 -28.27 17.27 9.90
C GLU A 158 -28.66 17.04 11.32
N ASN A 159 -27.71 17.20 12.22
CA ASN A 159 -28.04 16.78 13.57
C ASN A 159 -27.33 17.23 14.82
N GLU A 160 -26.01 17.16 14.90
CA GLU A 160 -25.10 16.79 13.87
C GLU A 160 -24.10 16.16 14.81
N SER A 161 -23.82 14.89 14.62
CA SER A 161 -23.10 14.10 15.57
C SER A 161 -21.97 13.36 14.88
N ARG A 162 -21.20 12.61 15.65
CA ARG A 162 -20.04 11.91 15.10
C ARG A 162 -19.37 10.86 15.97
N LYS A 163 -19.75 9.61 15.84
CA LYS A 163 -19.09 8.48 16.51
C LYS A 163 -18.07 7.66 15.74
N ASN A 164 -17.32 6.85 16.48
CA ASN A 164 -16.22 6.10 15.91
C ASN A 164 -16.36 4.60 16.14
N PHE A 165 -16.04 3.82 15.13
CA PHE A 165 -16.14 2.36 15.24
C PHE A 165 -14.86 1.71 14.76
N THR A 166 -14.63 0.48 15.19
CA THR A 166 -13.49 -0.30 14.71
C THR A 166 -13.95 -1.70 14.41
N VAL A 167 -13.56 -2.22 13.26
CA VAL A 167 -13.85 -3.60 12.92
C VAL A 167 -12.55 -4.32 12.58
N ALA A 168 -12.45 -5.59 12.99
CA ALA A 168 -11.26 -6.37 12.75
C ALA A 168 -11.57 -7.87 12.65
N ASP A 169 -10.54 -8.70 12.54
CA ASP A 169 -10.70 -10.14 12.40
C ASP A 169 -11.63 -10.48 11.24
N CYS A 170 -11.59 -9.66 10.19
CA CYS A 170 -12.49 -9.83 9.05
C CYS A 170 -12.02 -10.94 8.12
N GLU A 171 -12.94 -11.81 7.78
CA GLU A 171 -12.63 -12.92 6.91
C GLU A 171 -12.27 -12.48 5.47
N MSE A 172 -11.18 -12.98 4.92
CA MSE A 172 -10.74 -12.58 3.60
C MSE A 172 -10.42 -11.09 3.56
O MSE A 172 -10.51 -10.50 2.55
CB MSE A 172 -11.79 -12.92 2.52
CG MSE A 172 -11.68 -14.28 1.83
SE MSE A 172 -13.22 -15.03 0.80
CE MSE A 172 -14.61 -14.69 2.05
N ASN A 173 -10.10 -10.51 4.70
CA ASN A 173 -9.82 -9.07 4.76
C ASN A 173 -11.02 -8.21 4.37
N GLU A 174 -12.21 -8.80 4.33
CA GLU A 174 -13.42 -8.06 4.01
C GLU A 174 -14.28 -7.86 5.25
N CYS A 175 -14.34 -6.61 5.70
CA CYS A 175 -15.04 -6.28 6.94
C CYS A 175 -16.44 -5.75 6.68
N ASN A 176 -17.34 -6.08 7.57
CA ASN A 176 -18.72 -5.60 7.51
C ASN A 176 -19.15 -5.13 8.88
N LEU A 177 -19.93 -4.06 8.92
CA LEU A 177 -20.38 -3.50 10.19
C LEU A 177 -21.82 -3.02 10.07
N SER A 178 -22.63 -3.33 11.09
CA SER A 178 -23.99 -2.79 11.17
C SER A 178 -24.03 -1.73 12.25
N ILE A 179 -24.75 -0.64 11.99
CA ILE A 179 -24.79 0.47 12.93
C ILE A 179 -26.20 1.02 13.08
N PRO A 180 -26.65 1.18 14.33
CA PRO A 180 -27.95 1.75 14.66
C PRO A 180 -27.99 3.27 14.48
N VAL A 181 -29.04 3.70 13.85
CA VAL A 181 -29.15 5.10 13.56
C VAL A 181 -30.26 5.62 14.42
N PRO A 182 -29.86 6.49 15.35
CA PRO A 182 -30.70 7.25 16.30
C PRO A 182 -32.04 7.61 15.76
N SER A 183 -32.09 8.67 15.00
CA SER A 183 -33.30 8.95 14.32
C SER A 183 -33.33 10.27 13.63
N GLU A 184 -33.74 10.19 12.40
CA GLU A 184 -33.83 8.93 11.72
C GLU A 184 -34.76 9.23 10.64
N GLY A 185 -34.85 10.52 10.46
CA GLY A 185 -35.04 11.04 9.19
C GLY A 185 -33.86 11.94 8.94
N SER A 186 -32.60 11.45 8.99
CA SER A 186 -31.71 12.26 8.22
C SER A 186 -30.65 11.57 7.41
N THR A 187 -29.58 12.31 7.23
CA THR A 187 -28.54 11.80 6.41
C THR A 187 -27.34 11.53 7.22
N TYR A 188 -26.79 10.40 6.91
CA TYR A 188 -25.54 9.94 7.52
C TYR A 188 -24.44 9.76 6.49
N CYS A 189 -23.24 10.19 6.85
CA CYS A 189 -22.09 10.08 5.97
C CYS A 189 -20.96 9.37 6.69
N VAL A 190 -20.34 8.44 5.99
CA VAL A 190 -19.36 7.56 6.62
C VAL A 190 -18.10 7.46 5.78
N SER A 191 -16.98 7.38 6.47
CA SER A 191 -15.67 7.18 5.85
C SER A 191 -14.87 6.17 6.67
N ALA A 192 -13.80 5.64 6.08
CA ALA A 192 -13.01 4.64 6.78
C ALA A 192 -11.53 4.73 6.47
N LYS A 193 -10.69 4.21 7.34
CA LYS A 193 -9.25 4.08 7.13
C LYS A 193 -8.75 2.69 7.52
N GLY A 194 -7.78 2.16 6.81
CA GLY A 194 -7.15 0.93 7.23
C GLY A 194 -6.11 1.15 8.33
N HIS A 195 -5.97 0.16 9.21
CA HIS A 195 -4.96 0.18 10.28
C HIS A 195 -4.24 -1.16 10.28
N PHE A 196 -2.93 -1.15 10.47
CA PHE A 196 -2.18 -2.38 10.74
C PHE A 196 -1.44 -2.21 12.08
N PHE A 197 -1.60 -3.17 12.98
CA PHE A 197 -0.99 -3.10 14.31
C PHE A 197 -1.44 -1.86 15.04
N ASP A 198 -2.76 -1.68 15.15
CA ASP A 198 -3.35 -0.48 15.72
C ASP A 198 -2.93 0.76 14.94
N ASP A 199 -1.85 1.40 15.37
CA ASP A 199 -1.45 2.66 14.75
C ASP A 199 -0.03 2.72 14.14
N LEU A 200 0.63 1.57 14.03
CA LEU A 200 1.94 1.52 13.39
C LEU A 200 1.85 1.88 11.89
N ILE A 201 0.76 1.46 11.25
CA ILE A 201 0.50 1.80 9.86
C ILE A 201 -0.94 2.27 9.77
N VAL A 202 -1.12 3.49 9.27
CA VAL A 202 -2.45 4.08 9.16
C VAL A 202 -2.66 4.64 7.76
N GLY A 203 -3.72 4.19 7.10
CA GLY A 203 -4.01 4.57 5.73
C GLY A 203 -4.79 5.86 5.59
N ALA A 204 -4.91 6.34 4.35
CA ALA A 204 -5.70 7.52 4.03
C ALA A 204 -7.18 7.20 4.18
N SER A 205 -7.99 8.22 4.44
CA SER A 205 -9.43 8.05 4.55
C SER A 205 -10.09 7.88 3.19
N SER A 206 -11.08 7.01 3.12
CA SER A 206 -11.92 6.93 1.94
C SER A 206 -12.64 8.26 1.85
N GLU A 207 -13.22 8.58 0.69
CA GLU A 207 -14.11 9.72 0.64
C GLU A 207 -15.46 9.35 1.27
N GLU A 208 -16.20 10.37 1.70
CA GLU A 208 -17.45 10.13 2.41
C GLU A 208 -18.48 9.48 1.50
N SER A 209 -19.18 8.49 2.05
CA SER A 209 -20.39 7.94 1.43
C SER A 209 -21.56 8.31 2.31
N CYS A 210 -22.64 8.79 1.70
CA CYS A 210 -23.78 9.27 2.48
C CYS A 210 -25.03 8.47 2.12
N ILE A 211 -25.97 8.38 3.07
CA ILE A 211 -27.20 7.60 2.84
C ILE A 211 -28.36 8.13 3.67
N TRP A 212 -29.55 8.13 3.09
CA TRP A 212 -30.74 8.60 3.80
C TRP A 212 -31.44 7.49 4.56
N VAL A 213 -31.71 7.75 5.85
CA VAL A 213 -32.43 6.84 6.74
C VAL A 213 -33.76 7.48 7.20
N PRO A 214 -34.89 7.00 6.67
CA PRO A 214 -36.21 7.56 7.03
C PRO A 214 -36.58 7.28 8.48
N ILE A 215 -37.73 7.79 8.90
CA ILE A 215 -38.32 7.44 10.19
C ILE A 215 -38.88 6.02 10.14
#